data_4M84
#
_entry.id   4M84
#
_cell.length_a   48.120
_cell.length_b   73.180
_cell.length_c   66.010
_cell.angle_alpha   90.000
_cell.angle_beta   99.770
_cell.angle_gamma   90.000
#
_symmetry.space_group_name_H-M   'P 1 21 1'
#
loop_
_entity.id
_entity.type
_entity.pdbx_description
1 polymer 'Calmodulin-domain protein kinase 1'
2 non-polymer 5-amino-1-tert-butyl-3-(quinolin-2-yl)-1H-pyrazole-4-carboxamide
3 water water
#
_entity_poly.entity_id   1
_entity_poly.type   'polypeptide(L)'
_entity_poly.pdbx_seq_one_letter_code
;GPGSMMDHLHATPGMFVQHSTAIFSDRYKGQRVLGKGSFGEVILCKDKITGQECAVKVISKRQVKQKTDKESLLREVQLL
KQLDHPNIMKLYEFFEDKGYFYLVGEVYTGGELFDEIISRKRFSEVDAARIIRQVLSGITYMHKNKIVHRDLKPENLLLE
SKSKDANIRIIDFGLSTHFEASKKMKDKIGTAYYIAPEVLHGTYDEKCDVWSTGVILYILLSGCPPFNGANEYDILKKVE
KGKYTFELPQWKKVSESAKDLIRKMLTYVPSMRISARDALDHEWIQTYTKEQISVDVPSLDNAILNIRQFQGTQKLAQAA
LLYMGSKLTSQDETKELTAIFHKMDKNGDGQLDRAELIEGYKELMRMKGQDASMLDASAVEHEVDQVLDAVDFDKNGYIE
YSEFVTVAMDRKTLLSRERLERAFRMFDSDNSGKISSTELATIFGVSDVDSETWKSVLSEVDKNNDGEVDFDEFQQMLLK
LCGN
;
_entity_poly.pdbx_strand_id   A
#
loop_
_chem_comp.id
_chem_comp.type
_chem_comp.name
_chem_comp.formula
21E non-polymer 5-amino-1-tert-butyl-3-(quinolin-2-yl)-1H-pyrazole-4-carboxamide 'C17 H19 N5 O'
#
# COMPACT_ATOMS: atom_id res chain seq x y z
N THR A 21 -21.13 10.36 22.37
CA THR A 21 -20.11 9.89 21.38
C THR A 21 -18.84 9.39 22.08
N ALA A 22 -18.29 8.30 21.58
CA ALA A 22 -17.01 7.78 22.06
C ALA A 22 -15.86 8.46 21.30
N ILE A 23 -14.81 8.85 22.02
CA ILE A 23 -13.65 9.56 21.41
C ILE A 23 -12.44 8.62 21.29
N PHE A 24 -12.01 8.39 20.06
CA PHE A 24 -10.92 7.48 19.80
C PHE A 24 -9.69 7.63 20.74
N SER A 25 -9.14 8.84 20.84
CA SER A 25 -7.90 9.06 21.64
C SER A 25 -8.10 9.01 23.16
N ASP A 26 -9.34 8.95 23.62
CA ASP A 26 -9.62 8.67 25.04
C ASP A 26 -9.36 7.19 25.37
N ARG A 27 -9.44 6.33 24.36
CA ARG A 27 -9.34 4.92 24.56
C ARG A 27 -8.00 4.32 24.08
N TYR A 28 -7.44 4.92 23.02
CA TYR A 28 -6.23 4.42 22.36
C TYR A 28 -5.13 5.46 22.31
N LYS A 29 -3.90 5.01 22.48
CA LYS A 29 -2.72 5.83 22.20
C LYS A 29 -2.00 5.26 20.97
N GLY A 30 -1.59 6.15 20.06
CA GLY A 30 -0.71 5.75 18.97
C GLY A 30 0.69 5.39 19.43
N GLN A 31 1.19 4.25 18.96
CA GLN A 31 2.52 3.78 19.29
C GLN A 31 3.47 4.12 18.15
N ARG A 32 3.12 3.72 16.95
CA ARG A 32 3.98 3.95 15.79
CA ARG A 32 3.97 3.98 15.79
C ARG A 32 3.22 3.67 14.51
N VAL A 33 3.74 4.18 13.40
CA VAL A 33 3.12 4.01 12.08
C VAL A 33 3.49 2.65 11.53
N LEU A 34 2.50 1.94 11.02
CA LEU A 34 2.69 0.61 10.46
C LEU A 34 2.86 0.71 8.98
N GLY A 35 1.99 1.49 8.34
CA GLY A 35 2.13 1.77 6.94
C GLY A 35 0.98 2.61 6.42
N LYS A 36 0.87 2.62 5.12
CA LYS A 36 -0.03 3.47 4.40
C LYS A 36 -0.79 2.53 3.50
N GLY A 37 -2.11 2.57 3.53
CA GLY A 37 -2.88 1.70 2.69
C GLY A 37 -3.94 2.47 1.93
N SER A 38 -4.90 1.74 1.39
CA SER A 38 -6.01 2.37 0.72
C SER A 38 -6.76 3.19 1.77
N PHE A 39 -7.12 4.40 1.37
CA PHE A 39 -7.92 5.34 2.14
C PHE A 39 -7.22 6.03 3.31
N GLY A 40 -6.03 5.56 3.71
CA GLY A 40 -5.20 6.36 4.61
C GLY A 40 -4.14 5.57 5.37
N GLU A 41 -3.67 6.15 6.45
CA GLU A 41 -2.55 5.59 7.21
C GLU A 41 -3.06 4.52 8.19
N VAL A 42 -2.21 3.56 8.46
CA VAL A 42 -2.48 2.56 9.45
C VAL A 42 -1.45 2.75 10.53
N ILE A 43 -1.96 2.86 11.75
CA ILE A 43 -1.19 3.19 12.94
C ILE A 43 -1.32 2.05 13.95
N LEU A 44 -0.22 1.62 14.55
CA LEU A 44 -0.29 0.64 15.64
C LEU A 44 -0.65 1.44 16.87
N CYS A 45 -1.72 0.97 17.53
CA CYS A 45 -2.33 1.64 18.65
C CYS A 45 -2.51 0.67 19.82
N LYS A 46 -2.64 1.25 21.01
CA LYS A 46 -2.75 0.52 22.20
C LYS A 46 -3.86 1.04 23.11
N ASP A 47 -4.71 0.13 23.62
CA ASP A 47 -5.77 0.47 24.56
C ASP A 47 -5.11 1.02 25.84
N LYS A 48 -5.49 2.21 26.30
CA LYS A 48 -4.88 2.81 27.54
C LYS A 48 -5.20 2.08 28.84
N ILE A 49 -6.09 1.10 28.81
CA ILE A 49 -6.42 0.36 30.02
C ILE A 49 -6.00 -1.10 29.94
N THR A 50 -6.44 -1.79 28.88
CA THR A 50 -6.26 -3.23 28.73
C THR A 50 -4.94 -3.62 28.08
N GLY A 51 -4.22 -2.66 27.51
CA GLY A 51 -2.96 -2.92 26.82
C GLY A 51 -3.12 -3.59 25.44
N GLN A 52 -4.35 -3.82 24.99
CA GLN A 52 -4.56 -4.50 23.71
CA GLN A 52 -4.57 -4.51 23.69
C GLN A 52 -4.00 -3.65 22.56
N GLU A 53 -3.16 -4.28 21.74
CA GLU A 53 -2.61 -3.65 20.56
C GLU A 53 -3.59 -3.81 19.42
N CYS A 54 -3.68 -2.78 18.59
CA CYS A 54 -4.55 -2.83 17.44
CA CYS A 54 -4.61 -2.76 17.48
C CYS A 54 -3.99 -2.00 16.30
N ALA A 55 -4.43 -2.34 15.10
CA ALA A 55 -4.06 -1.62 13.90
C ALA A 55 -5.24 -0.72 13.52
N VAL A 56 -5.00 0.58 13.49
CA VAL A 56 -6.05 1.53 13.22
C VAL A 56 -5.85 2.21 11.89
N LYS A 57 -6.81 2.02 11.00
CA LYS A 57 -6.79 2.74 9.75
C LYS A 57 -7.48 4.06 9.96
N VAL A 58 -6.75 5.14 9.69
CA VAL A 58 -7.24 6.48 9.90
C VAL A 58 -7.60 7.10 8.56
N ILE A 59 -8.88 7.35 8.35
CA ILE A 59 -9.36 7.87 7.07
C ILE A 59 -9.68 9.36 7.22
N SER A 60 -8.92 10.19 6.54
CA SER A 60 -9.11 11.65 6.53
C SER A 60 -10.30 12.06 5.66
N LYS A 61 -11.34 12.62 6.28
CA LYS A 61 -12.57 13.01 5.57
C LYS A 61 -12.32 13.99 4.43
N ARG A 62 -11.28 14.81 4.57
CA ARG A 62 -10.92 15.77 3.53
C ARG A 62 -10.24 15.14 2.30
N GLN A 63 -9.49 14.06 2.47
CA GLN A 63 -8.81 13.39 1.35
C GLN A 63 -9.68 12.32 0.70
N VAL A 64 -10.66 11.82 1.44
CA VAL A 64 -11.45 10.67 1.02
C VAL A 64 -12.93 11.02 1.17
N LYS A 65 -13.59 11.14 0.03
CA LYS A 65 -15.03 11.35 -0.02
C LYS A 65 -15.78 10.03 0.25
N GLN A 66 -16.89 10.14 0.98
CA GLN A 66 -17.86 9.07 1.18
C GLN A 66 -18.78 8.87 -0.04
N LYS A 67 -19.06 7.62 -0.41
CA LYS A 67 -20.03 7.30 -1.48
C LYS A 67 -21.46 7.05 -0.97
N THR A 68 -21.55 6.61 0.27
CA THR A 68 -22.82 6.29 0.89
C THR A 68 -23.14 7.34 1.96
N ASP A 69 -24.28 7.17 2.63
CA ASP A 69 -24.66 8.08 3.68
C ASP A 69 -24.26 7.49 5.04
N LYS A 70 -24.36 8.30 6.08
CA LYS A 70 -23.92 7.90 7.40
C LYS A 70 -24.63 6.64 7.85
N GLU A 71 -25.95 6.62 7.69
CA GLU A 71 -26.78 5.49 8.09
C GLU A 71 -26.27 4.18 7.50
N SER A 72 -25.91 4.22 6.23
CA SER A 72 -25.43 3.03 5.51
C SER A 72 -24.03 2.57 5.97
N LEU A 73 -23.15 3.55 6.24
CA LEU A 73 -21.84 3.25 6.77
C LEU A 73 -21.94 2.61 8.16
N LEU A 74 -22.75 3.18 9.03
CA LEU A 74 -22.91 2.63 10.41
C LEU A 74 -23.49 1.20 10.37
N ARG A 75 -24.39 0.90 9.44
CA ARG A 75 -24.97 -0.47 9.35
C ARG A 75 -23.93 -1.49 8.88
N GLU A 76 -23.12 -1.12 7.89
CA GLU A 76 -22.07 -1.99 7.42
C GLU A 76 -21.07 -2.25 8.55
N VAL A 77 -20.67 -1.19 9.24
CA VAL A 77 -19.73 -1.30 10.36
C VAL A 77 -20.25 -2.25 11.40
N GLN A 78 -21.51 -2.07 11.75
CA GLN A 78 -22.13 -2.93 12.74
C GLN A 78 -22.12 -4.44 12.33
N LEU A 79 -22.29 -4.68 11.04
CA LEU A 79 -22.25 -6.04 10.51
C LEU A 79 -20.82 -6.54 10.49
N LEU A 80 -19.91 -5.77 9.92
CA LEU A 80 -18.48 -6.17 9.88
C LEU A 80 -17.90 -6.60 11.24
N LYS A 81 -18.31 -5.90 12.29
CA LYS A 81 -17.88 -6.20 13.64
C LYS A 81 -18.35 -7.57 14.13
N GLN A 82 -19.40 -8.11 13.54
CA GLN A 82 -19.96 -9.39 13.96
C GLN A 82 -19.48 -10.59 13.16
N LEU A 83 -18.82 -10.35 12.06
CA LEU A 83 -18.30 -11.40 11.22
C LEU A 83 -16.94 -11.86 11.73
N ASP A 84 -16.66 -13.14 11.61
CA ASP A 84 -15.40 -13.73 12.05
C ASP A 84 -15.08 -14.83 11.06
N HIS A 85 -13.93 -14.71 10.39
CA HIS A 85 -13.40 -15.79 9.58
C HIS A 85 -11.86 -15.77 9.65
N PRO A 86 -11.24 -16.96 9.64
CA PRO A 86 -9.78 -16.98 9.83
C PRO A 86 -8.96 -16.25 8.74
N ASN A 87 -9.56 -15.94 7.59
CA ASN A 87 -8.85 -15.29 6.48
C ASN A 87 -9.32 -13.87 6.20
N ILE A 88 -10.10 -13.32 7.13
CA ILE A 88 -10.59 -11.98 7.00
C ILE A 88 -10.09 -11.19 8.18
N MET A 89 -9.49 -10.03 7.93
CA MET A 89 -9.11 -9.14 9.04
C MET A 89 -10.30 -8.88 9.96
N LYS A 90 -10.07 -8.95 11.25
CA LYS A 90 -11.10 -8.73 12.25
C LYS A 90 -11.18 -7.23 12.52
N LEU A 91 -12.39 -6.70 12.46
CA LEU A 91 -12.68 -5.33 12.88
C LEU A 91 -13.28 -5.32 14.27
N TYR A 92 -12.72 -4.49 15.14
CA TYR A 92 -13.15 -4.43 16.53
C TYR A 92 -14.01 -3.21 16.78
N GLU A 93 -13.58 -2.06 16.27
CA GLU A 93 -14.22 -0.81 16.67
C GLU A 93 -14.19 0.21 15.56
N PHE A 94 -15.10 1.16 15.69
CA PHE A 94 -15.21 2.21 14.74
C PHE A 94 -15.53 3.52 15.39
N PHE A 95 -14.81 4.58 15.03
CA PHE A 95 -15.00 5.90 15.59
C PHE A 95 -14.99 6.95 14.49
N GLU A 96 -15.63 8.08 14.80
CA GLU A 96 -15.74 9.16 13.87
C GLU A 96 -15.67 10.44 14.64
N ASP A 97 -14.83 11.35 14.19
CA ASP A 97 -14.90 12.71 14.73
C ASP A 97 -15.12 13.63 13.54
N LYS A 98 -14.90 14.91 13.82
CA LYS A 98 -15.00 15.97 12.84
C LYS A 98 -14.17 15.73 11.59
N GLY A 99 -12.93 15.27 11.77
CA GLY A 99 -11.96 15.20 10.65
C GLY A 99 -11.69 13.83 10.07
N TYR A 100 -12.10 12.77 10.79
CA TYR A 100 -11.65 11.41 10.48
C TYR A 100 -12.61 10.29 10.84
N PHE A 101 -12.39 9.16 10.18
CA PHE A 101 -12.89 7.86 10.61
C PHE A 101 -11.72 7.03 11.08
N TYR A 102 -11.94 6.25 12.11
CA TYR A 102 -10.92 5.40 12.71
C TYR A 102 -11.47 3.98 12.77
N LEU A 103 -10.85 3.11 11.99
CA LEU A 103 -11.25 1.73 11.92
C LEU A 103 -10.23 0.94 12.68
N VAL A 104 -10.68 0.30 13.73
CA VAL A 104 -9.79 -0.40 14.65
C VAL A 104 -9.88 -1.90 14.48
N GLY A 105 -8.77 -2.50 14.03
CA GLY A 105 -8.71 -3.91 13.71
C GLY A 105 -7.57 -4.61 14.39
N GLU A 106 -7.49 -5.90 14.18
CA GLU A 106 -6.46 -6.73 14.71
C GLU A 106 -5.19 -6.41 13.94
N VAL A 107 -4.04 -6.48 14.62
CA VAL A 107 -2.78 -6.23 13.96
C VAL A 107 -2.13 -7.53 13.57
N TYR A 108 -1.63 -7.58 12.34
CA TYR A 108 -0.90 -8.73 11.82
C TYR A 108 0.50 -8.31 11.40
N THR A 109 1.46 -9.19 11.62
CA THR A 109 2.87 -8.81 11.60
C THR A 109 3.69 -9.56 10.55
N GLY A 110 3.04 -10.39 9.74
CA GLY A 110 3.74 -11.18 8.74
C GLY A 110 4.04 -10.43 7.43
N GLY A 111 3.44 -9.27 7.25
CA GLY A 111 3.72 -8.45 6.09
C GLY A 111 2.90 -8.90 4.88
N GLU A 112 3.16 -8.29 3.74
CA GLU A 112 2.45 -8.65 2.50
C GLU A 112 2.89 -10.02 1.97
N LEU A 113 1.91 -10.80 1.51
CA LEU A 113 2.19 -12.12 0.94
C LEU A 113 3.37 -12.18 -0.06
N PHE A 114 3.36 -11.30 -1.07
CA PHE A 114 4.33 -11.37 -2.13
C PHE A 114 5.75 -11.07 -1.59
N ASP A 115 5.86 -10.26 -0.53
CA ASP A 115 7.15 -9.96 0.06
C ASP A 115 7.67 -11.18 0.79
N GLU A 116 6.77 -12.00 1.30
CA GLU A 116 7.12 -13.27 1.88
C GLU A 116 7.48 -14.26 0.78
N ILE A 117 6.67 -14.31 -0.28
CA ILE A 117 6.94 -15.28 -1.34
C ILE A 117 8.34 -15.12 -1.94
N ILE A 118 8.77 -13.88 -2.17
CA ILE A 118 9.99 -13.63 -2.89
C ILE A 118 11.22 -13.99 -2.02
N SER A 119 11.04 -14.13 -0.71
CA SER A 119 12.11 -14.55 0.17
C SER A 119 12.31 -16.07 0.14
N ARG A 120 11.37 -16.81 -0.43
CA ARG A 120 11.52 -18.26 -0.57
C ARG A 120 12.52 -18.61 -1.67
N LYS A 121 13.13 -19.79 -1.55
CA LYS A 121 13.93 -20.36 -2.65
C LYS A 121 13.15 -21.47 -3.43
N ARG A 122 12.02 -21.93 -2.86
CA ARG A 122 11.19 -22.99 -3.45
C ARG A 122 9.70 -22.58 -3.38
N PHE A 123 8.94 -22.84 -4.44
CA PHE A 123 7.52 -22.46 -4.50
C PHE A 123 6.80 -23.30 -5.54
N SER A 124 5.81 -24.07 -5.13
CA SER A 124 5.18 -25.04 -6.01
C SER A 124 3.70 -24.80 -6.16
N GLU A 125 3.06 -25.52 -7.08
CA GLU A 125 1.60 -25.46 -7.24
C GLU A 125 0.88 -25.76 -5.92
N VAL A 126 1.48 -26.58 -5.05
CA VAL A 126 0.93 -26.86 -3.72
C VAL A 126 0.90 -25.61 -2.83
N ASP A 127 2.01 -24.85 -2.86
CA ASP A 127 2.08 -23.57 -2.18
C ASP A 127 1.05 -22.58 -2.71
N ALA A 128 0.90 -22.50 -4.04
CA ALA A 128 -0.06 -21.58 -4.66
C ALA A 128 -1.52 -21.93 -4.34
N ALA A 129 -1.81 -23.23 -4.24
CA ALA A 129 -3.15 -23.71 -3.95
C ALA A 129 -3.51 -23.53 -2.50
N ARG A 130 -2.54 -23.73 -1.60
CA ARG A 130 -2.74 -23.40 -0.21
C ARG A 130 -3.12 -21.94 -0.06
N ILE A 131 -2.37 -21.07 -0.72
CA ILE A 131 -2.62 -19.62 -0.75
C ILE A 131 -4.00 -19.29 -1.28
N ILE A 132 -4.29 -19.76 -2.48
CA ILE A 132 -5.52 -19.36 -3.13
C ILE A 132 -6.74 -19.98 -2.43
N ARG A 133 -6.59 -21.17 -1.86
CA ARG A 133 -7.70 -21.74 -1.07
C ARG A 133 -8.08 -20.83 0.14
N GLN A 134 -7.11 -20.22 0.80
CA GLN A 134 -7.40 -19.30 1.89
C GLN A 134 -8.18 -18.13 1.40
N VAL A 135 -7.71 -17.52 0.32
CA VAL A 135 -8.34 -16.36 -0.28
C VAL A 135 -9.78 -16.64 -0.67
N LEU A 136 -10.00 -17.70 -1.45
CA LEU A 136 -11.34 -18.14 -1.84
C LEU A 136 -12.21 -18.43 -0.62
N SER A 137 -11.62 -18.97 0.43
CA SER A 137 -12.38 -19.29 1.62
C SER A 137 -12.88 -18.02 2.37
N GLY A 138 -12.05 -16.99 2.35
CA GLY A 138 -12.38 -15.72 2.94
C GLY A 138 -13.42 -15.05 2.07
N ILE A 139 -13.18 -15.02 0.77
CA ILE A 139 -14.14 -14.42 -0.16
C ILE A 139 -15.52 -15.07 -0.11
N THR A 140 -15.54 -16.40 -0.06
CA THR A 140 -16.80 -17.17 -0.03
C THR A 140 -17.63 -16.72 1.16
N TYR A 141 -16.98 -16.67 2.33
CA TYR A 141 -17.64 -16.23 3.54
C TYR A 141 -18.21 -14.82 3.46
N MET A 142 -17.41 -13.89 2.94
CA MET A 142 -17.88 -12.52 2.83
C MET A 142 -19.03 -12.38 1.83
N HIS A 143 -18.99 -13.11 0.71
CA HIS A 143 -20.03 -13.01 -0.30
C HIS A 143 -21.34 -13.60 0.26
N LYS A 144 -21.25 -14.64 1.08
CA LYS A 144 -22.45 -15.17 1.77
C LYS A 144 -23.09 -14.09 2.62
N ASN A 145 -22.27 -13.14 3.12
CA ASN A 145 -22.80 -12.00 3.92
C ASN A 145 -22.99 -10.70 3.09
N LYS A 146 -23.00 -10.88 1.77
CA LYS A 146 -23.23 -9.85 0.78
C LYS A 146 -22.27 -8.67 0.85
N ILE A 147 -21.02 -8.96 1.17
CA ILE A 147 -19.94 -7.94 1.14
C ILE A 147 -19.00 -8.25 0.01
N VAL A 148 -18.68 -7.22 -0.76
CA VAL A 148 -17.82 -7.32 -1.91
C VAL A 148 -16.53 -6.51 -1.58
N HIS A 149 -15.40 -7.01 -2.03
CA HIS A 149 -14.17 -6.26 -1.84
C HIS A 149 -14.04 -5.20 -2.92
N ARG A 150 -14.04 -5.66 -4.17
CA ARG A 150 -13.90 -4.85 -5.40
C ARG A 150 -12.41 -4.50 -5.75
N ASP A 151 -11.59 -4.34 -4.75
CA ASP A 151 -10.22 -3.84 -4.98
C ASP A 151 -9.24 -4.87 -4.48
N LEU A 152 -9.54 -6.13 -4.75
CA LEU A 152 -8.69 -7.18 -4.24
C LEU A 152 -7.36 -7.20 -5.02
N LYS A 153 -6.24 -7.30 -4.29
CA LYS A 153 -4.90 -7.36 -4.89
C LYS A 153 -3.89 -7.85 -3.88
N PRO A 154 -2.68 -8.19 -4.33
CA PRO A 154 -1.67 -8.79 -3.45
C PRO A 154 -1.41 -7.99 -2.18
N GLU A 155 -1.40 -6.67 -2.26
CA GLU A 155 -1.24 -5.79 -1.08
C GLU A 155 -2.31 -5.99 -0.01
N ASN A 156 -3.47 -6.50 -0.42
CA ASN A 156 -4.57 -6.72 0.53
C ASN A 156 -4.45 -8.09 1.17
N LEU A 157 -3.45 -8.87 0.79
CA LEU A 157 -3.19 -10.13 1.45
C LEU A 157 -2.04 -10.03 2.43
N LEU A 158 -2.37 -10.04 3.72
CA LEU A 158 -1.35 -9.95 4.78
C LEU A 158 -1.18 -11.29 5.41
N LEU A 159 0.00 -11.55 5.97
CA LEU A 159 0.25 -12.80 6.68
C LEU A 159 0.09 -12.52 8.16
N GLU A 160 -0.65 -13.40 8.82
CA GLU A 160 -0.93 -13.21 10.25
C GLU A 160 0.28 -12.90 11.10
N SER A 161 1.33 -13.71 10.90
CA SER A 161 2.58 -13.57 11.61
C SER A 161 3.76 -13.92 10.68
N LYS A 162 4.98 -13.70 11.19
CA LYS A 162 6.18 -14.00 10.42
C LYS A 162 6.51 -15.51 10.35
N SER A 163 5.66 -16.35 10.96
CA SER A 163 5.86 -17.80 10.92
C SER A 163 5.63 -18.35 9.52
N LYS A 164 6.34 -19.43 9.17
CA LYS A 164 6.29 -20.00 7.81
C LYS A 164 4.89 -20.47 7.41
N ASP A 165 4.17 -21.03 8.38
CA ASP A 165 2.85 -21.63 8.20
C ASP A 165 1.68 -20.64 8.26
N ALA A 166 1.97 -19.34 8.28
CA ALA A 166 1.01 -18.31 8.66
C ALA A 166 -0.23 -18.25 7.75
N ASN A 167 -1.41 -18.07 8.35
CA ASN A 167 -2.62 -17.83 7.58
C ASN A 167 -2.58 -16.46 6.89
N ILE A 168 -3.35 -16.37 5.81
CA ILE A 168 -3.58 -15.11 5.06
C ILE A 168 -4.78 -14.41 5.68
N ARG A 169 -4.72 -13.08 5.78
CA ARG A 169 -5.85 -12.23 6.26
C ARG A 169 -6.05 -11.18 5.19
N ILE A 170 -7.25 -11.14 4.62
CA ILE A 170 -7.58 -10.15 3.59
C ILE A 170 -7.96 -8.91 4.31
N ILE A 171 -7.39 -7.78 3.91
CA ILE A 171 -7.75 -6.50 4.52
C ILE A 171 -8.61 -5.70 3.55
N ASP A 172 -9.40 -4.80 4.10
CA ASP A 172 -10.18 -3.79 3.38
C ASP A 172 -11.47 -4.32 2.75
N PHE A 173 -11.93 -5.46 3.23
CA PHE A 173 -13.15 -6.04 2.67
C PHE A 173 -14.31 -5.09 2.99
N GLY A 174 -14.97 -4.53 1.98
CA GLY A 174 -16.17 -3.70 2.28
C GLY A 174 -15.96 -2.20 2.26
N LEU A 175 -14.73 -1.73 2.32
CA LEU A 175 -14.48 -0.29 2.42
C LEU A 175 -14.74 0.42 1.11
N SER A 176 -14.49 -0.25 -0.02
CA SER A 176 -14.65 0.35 -1.35
C SER A 176 -16.08 0.81 -1.62
N THR A 177 -17.04 0.16 -1.00
CA THR A 177 -18.45 0.49 -1.11
C THR A 177 -18.77 1.84 -0.48
N HIS A 178 -18.00 2.26 0.50
CA HIS A 178 -18.38 3.44 1.27
C HIS A 178 -17.44 4.61 1.08
N PHE A 179 -16.25 4.34 0.57
CA PHE A 179 -15.26 5.38 0.38
C PHE A 179 -14.75 5.34 -1.07
N GLU A 180 -14.52 6.53 -1.60
CA GLU A 180 -14.11 6.71 -2.98
C GLU A 180 -12.60 6.66 -3.04
N ALA A 181 -12.08 5.83 -3.92
CA ALA A 181 -10.63 5.62 -4.05
C ALA A 181 -9.92 6.89 -4.57
N SER A 182 -8.70 7.12 -4.06
CA SER A 182 -7.85 8.22 -4.53
C SER A 182 -7.60 8.12 -6.05
N LYS A 183 -7.56 9.26 -6.72
CA LYS A 183 -7.14 9.29 -8.13
C LYS A 183 -5.65 9.65 -8.30
N LYS A 184 -4.93 9.81 -7.18
CA LYS A 184 -3.47 10.02 -7.21
C LYS A 184 -2.69 8.73 -7.56
N MET A 185 -1.74 8.82 -8.49
CA MET A 185 -1.00 7.63 -8.95
C MET A 185 -0.28 6.90 -7.79
N LYS A 186 0.29 7.69 -6.86
CA LYS A 186 0.95 7.14 -5.64
C LYS A 186 0.05 6.21 -4.82
N ASP A 187 -1.26 6.30 -5.05
CA ASP A 187 -2.25 5.49 -4.33
C ASP A 187 -2.83 4.38 -5.17
N LYS A 188 -2.61 4.42 -6.48
CA LYS A 188 -3.24 3.43 -7.34
C LYS A 188 -2.26 2.53 -8.09
N ILE A 189 -0.97 2.59 -7.68
CA ILE A 189 0.04 1.75 -8.29
C ILE A 189 -0.33 0.30 -8.10
N GLY A 190 -0.27 -0.43 -9.20
CA GLY A 190 -0.61 -1.81 -9.19
C GLY A 190 -2.06 -2.07 -8.88
N THR A 191 -2.95 -1.15 -9.24
CA THR A 191 -4.41 -1.41 -9.12
C THR A 191 -4.98 -1.97 -10.43
N ALA A 192 -4.47 -1.47 -11.55
CA ALA A 192 -5.01 -1.76 -12.88
C ALA A 192 -4.95 -3.25 -13.22
N TYR A 193 -3.93 -3.97 -12.73
CA TYR A 193 -3.73 -5.36 -13.09
C TYR A 193 -4.86 -6.24 -12.66
N TYR A 194 -5.53 -5.90 -11.57
CA TYR A 194 -6.43 -6.84 -10.94
C TYR A 194 -7.93 -6.55 -11.03
N ILE A 195 -8.27 -5.34 -11.44
CA ILE A 195 -9.65 -4.91 -11.50
CA ILE A 195 -9.66 -4.88 -11.52
C ILE A 195 -10.43 -5.65 -12.60
N ALA A 196 -11.63 -6.11 -12.28
CA ALA A 196 -12.45 -6.82 -13.24
C ALA A 196 -13.00 -5.84 -14.28
N PRO A 197 -13.11 -6.28 -15.54
CA PRO A 197 -13.59 -5.41 -16.61
C PRO A 197 -14.97 -4.78 -16.35
N GLU A 198 -15.87 -5.53 -15.66
CA GLU A 198 -17.24 -4.99 -15.35
C GLU A 198 -17.14 -3.84 -14.39
N VAL A 199 -16.09 -3.80 -13.54
CA VAL A 199 -15.93 -2.67 -12.64
C VAL A 199 -15.62 -1.41 -13.42
N LEU A 200 -14.82 -1.53 -14.47
CA LEU A 200 -14.50 -0.38 -15.33
C LEU A 200 -15.76 0.24 -15.97
N HIS A 201 -16.75 -0.60 -16.29
CA HIS A 201 -17.92 -0.17 -17.05
C HIS A 201 -19.10 0.20 -16.19
N GLY A 202 -19.06 -0.16 -14.91
CA GLY A 202 -20.01 0.35 -13.92
C GLY A 202 -21.02 -0.66 -13.35
N THR A 203 -21.29 -1.77 -14.03
CA THR A 203 -22.25 -2.72 -13.51
C THR A 203 -21.46 -3.92 -12.93
N TYR A 204 -21.31 -3.99 -11.61
CA TYR A 204 -20.60 -5.14 -11.08
C TYR A 204 -21.27 -5.66 -9.86
N ASP A 205 -20.91 -6.91 -9.52
CA ASP A 205 -21.37 -7.63 -8.36
C ASP A 205 -20.17 -8.40 -7.76
N GLU A 206 -20.48 -9.31 -6.85
CA GLU A 206 -19.44 -10.07 -6.12
C GLU A 206 -18.51 -10.90 -7.01
N LYS A 207 -18.92 -11.26 -8.23
CA LYS A 207 -18.02 -11.98 -9.10
C LYS A 207 -16.73 -11.21 -9.45
N CYS A 208 -16.71 -9.89 -9.29
CA CYS A 208 -15.46 -9.11 -9.53
C CYS A 208 -14.32 -9.63 -8.63
N ASP A 209 -14.66 -10.18 -7.46
CA ASP A 209 -13.63 -10.66 -6.53
C ASP A 209 -12.99 -11.96 -6.99
N VAL A 210 -13.73 -12.77 -7.76
CA VAL A 210 -13.21 -14.00 -8.34
C VAL A 210 -12.21 -13.67 -9.47
N TRP A 211 -12.56 -12.66 -10.28
CA TRP A 211 -11.69 -12.22 -11.34
C TRP A 211 -10.38 -11.77 -10.72
N SER A 212 -10.42 -10.89 -9.73
CA SER A 212 -9.19 -10.39 -9.13
C SER A 212 -8.33 -11.52 -8.58
N THR A 213 -9.00 -12.53 -8.04
CA THR A 213 -8.34 -13.73 -7.51
C THR A 213 -7.69 -14.55 -8.60
N GLY A 214 -8.37 -14.61 -9.73
CA GLY A 214 -7.88 -15.24 -10.90
C GLY A 214 -6.62 -14.58 -11.40
N VAL A 215 -6.59 -13.26 -11.38
CA VAL A 215 -5.38 -12.55 -11.82
C VAL A 215 -4.24 -12.91 -10.86
N ILE A 216 -4.53 -12.90 -9.57
CA ILE A 216 -3.53 -13.23 -8.55
C ILE A 216 -2.95 -14.62 -8.74
N LEU A 217 -3.81 -15.62 -8.96
CA LEU A 217 -3.36 -16.96 -9.30
C LEU A 217 -2.48 -17.02 -10.53
N TYR A 218 -2.85 -16.33 -11.60
CA TYR A 218 -2.03 -16.31 -12.80
C TYR A 218 -0.60 -15.84 -12.43
N ILE A 219 -0.52 -14.80 -11.63
CA ILE A 219 0.75 -14.28 -11.21
C ILE A 219 1.54 -15.28 -10.35
N LEU A 220 0.85 -16.02 -9.50
CA LEU A 220 1.51 -16.96 -8.61
C LEU A 220 2.22 -18.08 -9.35
N LEU A 221 1.59 -18.56 -10.42
CA LEU A 221 2.08 -19.65 -11.25
C LEU A 221 3.01 -19.28 -12.40
N SER A 222 3.01 -18.01 -12.82
CA SER A 222 3.87 -17.53 -13.91
C SER A 222 4.78 -16.36 -13.52
N GLY A 223 4.41 -15.62 -12.48
CA GLY A 223 5.12 -14.42 -12.09
C GLY A 223 4.94 -13.21 -12.97
N CYS A 224 3.98 -13.27 -13.90
CA CYS A 224 3.67 -12.14 -14.79
C CYS A 224 2.16 -11.90 -14.79
N PRO A 225 1.72 -10.62 -14.85
CA PRO A 225 0.31 -10.26 -14.92
C PRO A 225 -0.29 -10.73 -16.22
N PRO A 226 -1.50 -11.30 -16.20
CA PRO A 226 -2.04 -11.70 -17.46
C PRO A 226 -2.38 -10.50 -18.39
N PHE A 227 -2.73 -9.37 -17.79
CA PHE A 227 -3.01 -8.13 -18.52
C PHE A 227 -1.97 -7.11 -18.14
N ASN A 228 -1.15 -6.78 -19.12
CA ASN A 228 0.03 -5.95 -18.91
C ASN A 228 0.24 -4.92 -19.99
N GLY A 229 1.14 -3.97 -19.74
CA GLY A 229 1.39 -2.87 -20.65
C GLY A 229 2.25 -1.84 -19.92
N ALA A 230 2.59 -0.79 -20.65
CA ALA A 230 3.67 0.12 -20.28
C ALA A 230 3.24 1.20 -19.30
N ASN A 231 1.94 1.41 -19.18
CA ASN A 231 1.37 2.42 -18.33
C ASN A 231 -0.05 1.97 -17.88
N GLU A 232 -0.63 2.67 -16.92
CA GLU A 232 -1.91 2.31 -16.38
C GLU A 232 -2.94 2.17 -17.51
N TYR A 233 -2.97 3.12 -18.43
CA TYR A 233 -4.00 3.06 -19.46
C TYR A 233 -3.91 1.87 -20.43
N ASP A 234 -2.70 1.51 -20.84
CA ASP A 234 -2.51 0.29 -21.64
C ASP A 234 -2.92 -1.03 -20.94
N ILE A 235 -2.66 -1.09 -19.64
CA ILE A 235 -3.10 -2.22 -18.85
C ILE A 235 -4.65 -2.28 -18.87
N LEU A 236 -5.30 -1.17 -18.61
CA LEU A 236 -6.76 -1.13 -18.60
C LEU A 236 -7.36 -1.52 -19.99
N LYS A 237 -6.66 -1.17 -21.06
CA LYS A 237 -7.12 -1.48 -22.43
C LYS A 237 -7.09 -3.00 -22.64
N LYS A 238 -6.08 -3.63 -22.07
CA LYS A 238 -5.96 -5.07 -22.07
C LYS A 238 -6.98 -5.74 -21.19
N VAL A 239 -7.22 -5.22 -20.00
CA VAL A 239 -8.25 -5.79 -19.13
C VAL A 239 -9.62 -5.73 -19.80
N GLU A 240 -9.92 -4.59 -20.39
CA GLU A 240 -11.25 -4.35 -20.97
C GLU A 240 -11.52 -5.27 -22.17
N LYS A 241 -10.49 -5.56 -22.96
CA LYS A 241 -10.60 -6.56 -24.00
C LYS A 241 -10.76 -7.98 -23.45
N GLY A 242 -10.10 -8.28 -22.35
CA GLY A 242 -10.33 -9.55 -21.68
C GLY A 242 -9.49 -10.72 -22.16
N LYS A 243 -8.64 -10.49 -23.16
CA LYS A 243 -7.87 -11.57 -23.78
C LYS A 243 -6.54 -11.77 -23.09
N TYR A 244 -6.21 -13.01 -22.80
CA TYR A 244 -4.93 -13.33 -22.24
C TYR A 244 -4.53 -14.69 -22.81
N THR A 245 -3.30 -15.11 -22.50
CA THR A 245 -2.78 -16.38 -22.97
C THR A 245 -1.88 -17.10 -21.95
N PHE A 246 -1.58 -18.37 -22.26
CA PHE A 246 -0.69 -19.24 -21.48
C PHE A 246 0.56 -19.65 -22.27
N GLU A 247 1.00 -18.81 -23.21
CA GLU A 247 2.13 -19.14 -24.09
C GLU A 247 3.49 -18.84 -23.51
N LEU A 248 3.55 -18.33 -22.28
CA LEU A 248 4.84 -18.15 -21.64
C LEU A 248 5.46 -19.52 -21.40
N PRO A 249 6.79 -19.65 -21.56
CA PRO A 249 7.41 -20.95 -21.42
C PRO A 249 7.11 -21.62 -20.10
N GLN A 250 7.02 -20.83 -19.02
CA GLN A 250 6.88 -21.40 -17.68
C GLN A 250 5.50 -21.97 -17.37
N TRP A 251 4.53 -21.79 -18.27
CA TRP A 251 3.24 -22.50 -18.16
C TRP A 251 3.30 -23.99 -18.49
N LYS A 252 4.35 -24.42 -19.20
CA LYS A 252 4.50 -25.83 -19.57
C LYS A 252 4.68 -26.69 -18.32
N LYS A 253 5.30 -26.10 -17.29
CA LYS A 253 5.48 -26.76 -15.98
C LYS A 253 4.24 -26.78 -15.08
N VAL A 254 3.14 -26.15 -15.52
CA VAL A 254 1.93 -26.01 -14.70
C VAL A 254 0.83 -26.99 -15.10
N SER A 255 0.20 -27.60 -14.09
CA SER A 255 -0.90 -28.53 -14.32
C SER A 255 -1.99 -27.93 -15.18
N GLU A 256 -2.59 -28.77 -16.01
CA GLU A 256 -3.76 -28.39 -16.82
C GLU A 256 -4.93 -27.93 -15.95
N SER A 257 -5.05 -28.57 -14.80
CA SER A 257 -6.08 -28.30 -13.81
C SER A 257 -6.10 -26.83 -13.32
N ALA A 258 -4.90 -26.31 -13.09
CA ALA A 258 -4.72 -24.97 -12.59
C ALA A 258 -5.14 -23.99 -13.68
N LYS A 259 -4.69 -24.22 -14.91
CA LYS A 259 -5.11 -23.39 -16.06
C LYS A 259 -6.63 -23.37 -16.26
N ASP A 260 -7.29 -24.45 -15.87
CA ASP A 260 -8.70 -24.59 -16.09
C ASP A 260 -9.43 -23.73 -15.09
N LEU A 261 -8.95 -23.77 -13.86
CA LEU A 261 -9.51 -22.93 -12.81
C LEU A 261 -9.30 -21.47 -13.23
N ILE A 262 -8.10 -21.14 -13.71
CA ILE A 262 -7.83 -19.78 -14.14
C ILE A 262 -8.86 -19.34 -15.21
N ARG A 263 -9.07 -20.14 -16.24
CA ARG A 263 -10.02 -19.78 -17.32
C ARG A 263 -11.39 -19.50 -16.82
N LYS A 264 -11.79 -20.27 -15.82
CA LYS A 264 -13.11 -20.11 -15.18
C LYS A 264 -13.20 -18.84 -14.33
N MET A 265 -12.13 -18.51 -13.62
CA MET A 265 -12.07 -17.23 -12.85
C MET A 265 -11.97 -16.00 -13.74
N LEU A 266 -11.23 -16.11 -14.84
CA LEU A 266 -11.06 -15.01 -15.78
C LEU A 266 -12.09 -15.07 -16.93
N THR A 267 -13.26 -15.59 -16.67
CA THR A 267 -14.31 -15.59 -17.70
C THR A 267 -14.92 -14.20 -17.79
N TYR A 268 -15.07 -13.66 -19.01
CA TYR A 268 -15.37 -12.25 -19.18
C TYR A 268 -16.74 -11.85 -18.57
N VAL A 269 -17.79 -12.55 -18.99
CA VAL A 269 -19.19 -12.29 -18.59
C VAL A 269 -19.38 -12.83 -17.19
N PRO A 270 -19.71 -11.91 -16.24
CA PRO A 270 -19.68 -12.34 -14.84
C PRO A 270 -20.65 -13.47 -14.47
N SER A 271 -21.85 -13.46 -15.09
CA SER A 271 -22.81 -14.56 -14.88
C SER A 271 -22.26 -15.92 -15.31
N MET A 272 -21.25 -15.96 -16.16
CA MET A 272 -20.63 -17.20 -16.63
C MET A 272 -19.35 -17.54 -15.84
N ARG A 273 -18.84 -16.59 -15.03
CA ARG A 273 -17.60 -16.80 -14.28
C ARG A 273 -17.94 -17.67 -13.10
N ILE A 274 -17.03 -18.57 -12.73
CA ILE A 274 -17.18 -19.40 -11.56
C ILE A 274 -17.36 -18.58 -10.26
N SER A 275 -18.16 -19.09 -9.33
CA SER A 275 -18.34 -18.44 -8.05
C SER A 275 -17.13 -18.80 -7.18
N ALA A 276 -16.88 -17.96 -6.17
CA ALA A 276 -15.87 -18.24 -5.16
C ALA A 276 -16.11 -19.63 -4.58
N ARG A 277 -17.34 -19.89 -4.17
CA ARG A 277 -17.67 -21.16 -3.51
C ARG A 277 -17.38 -22.34 -4.40
N ASP A 278 -17.81 -22.25 -5.66
CA ASP A 278 -17.49 -23.33 -6.60
C ASP A 278 -15.99 -23.45 -6.86
N ALA A 279 -15.27 -22.34 -6.88
CA ALA A 279 -13.84 -22.39 -7.13
C ALA A 279 -13.16 -23.23 -6.05
N LEU A 280 -13.61 -23.11 -4.81
CA LEU A 280 -13.15 -23.98 -3.69
C LEU A 280 -13.27 -25.46 -3.95
N ASP A 281 -14.33 -25.88 -4.64
CA ASP A 281 -14.51 -27.29 -5.02
C ASP A 281 -13.78 -27.73 -6.28
N HIS A 282 -13.07 -26.84 -6.95
CA HIS A 282 -12.46 -27.17 -8.23
C HIS A 282 -11.39 -28.23 -8.04
N GLU A 283 -11.33 -29.19 -8.97
CA GLU A 283 -10.33 -30.29 -8.96
C GLU A 283 -8.92 -29.84 -8.50
N TRP A 284 -8.42 -28.74 -9.07
CA TRP A 284 -7.11 -28.16 -8.74
C TRP A 284 -6.93 -27.83 -7.26
N ILE A 285 -7.95 -27.24 -6.65
CA ILE A 285 -7.89 -26.92 -5.23
C ILE A 285 -8.00 -28.22 -4.43
N GLN A 286 -8.85 -29.14 -4.89
CA GLN A 286 -9.05 -30.39 -4.16
C GLN A 286 -7.77 -31.23 -4.21
N THR A 287 -7.09 -31.22 -5.36
CA THR A 287 -5.87 -32.02 -5.59
C THR A 287 -4.60 -31.54 -4.89
N TYR A 288 -4.32 -30.24 -4.98
CA TYR A 288 -3.03 -29.67 -4.52
C TYR A 288 -3.04 -29.14 -3.09
N THR A 289 -4.16 -29.27 -2.40
CA THR A 289 -4.26 -28.84 -1.00
C THR A 289 -4.36 -30.03 -0.08
N LYS A 290 -4.33 -31.24 -0.63
CA LYS A 290 -4.12 -32.42 0.19
C LYS A 290 -2.67 -32.41 0.67
N GLU A 291 -2.50 -32.21 1.99
CA GLU A 291 -1.18 -32.01 2.62
C GLU A 291 -0.15 -33.10 2.30
N GLN A 292 -0.60 -34.30 1.98
CA GLN A 292 0.31 -35.42 1.75
C GLN A 292 0.72 -35.56 0.29
N ILE A 293 -0.26 -35.77 -0.60
CA ILE A 293 0.01 -36.23 -1.97
C ILE A 293 0.87 -35.25 -2.80
N SER A 294 2.14 -35.61 -3.01
CA SER A 294 2.99 -34.92 -3.99
C SER A 294 3.16 -35.82 -5.23
N VAL A 295 2.05 -36.03 -5.95
CA VAL A 295 2.03 -36.91 -7.14
C VAL A 295 2.99 -36.47 -8.24
N ASP A 296 3.17 -35.16 -8.39
CA ASP A 296 4.25 -34.57 -9.19
C ASP A 296 4.29 -33.07 -8.86
N VAL A 297 5.34 -32.64 -8.18
CA VAL A 297 5.36 -31.30 -7.60
C VAL A 297 6.72 -30.64 -7.78
N PRO A 298 6.99 -30.11 -8.99
CA PRO A 298 8.21 -29.33 -9.19
C PRO A 298 8.08 -27.94 -8.63
N SER A 299 9.23 -27.30 -8.48
CA SER A 299 9.33 -25.94 -8.03
C SER A 299 9.32 -25.01 -9.25
N LEU A 300 8.55 -23.93 -9.16
CA LEU A 300 8.29 -23.04 -10.29
C LEU A 300 9.31 -21.90 -10.30
N ASP A 301 10.53 -22.23 -10.70
CA ASP A 301 11.68 -21.35 -10.49
C ASP A 301 11.62 -20.04 -11.25
N ASN A 302 11.21 -20.11 -12.51
CA ASN A 302 11.06 -18.92 -13.32
C ASN A 302 9.99 -17.98 -12.71
N ALA A 303 8.87 -18.56 -12.27
CA ALA A 303 7.79 -17.80 -11.64
C ALA A 303 8.28 -16.96 -10.48
N ILE A 304 9.08 -17.57 -9.60
CA ILE A 304 9.47 -16.93 -8.37
C ILE A 304 10.40 -15.75 -8.68
N LEU A 305 11.19 -15.90 -9.72
CA LEU A 305 12.08 -14.86 -10.13
C LEU A 305 11.36 -13.74 -10.88
N ASN A 306 10.37 -14.09 -11.70
CA ASN A 306 9.48 -13.08 -12.29
C ASN A 306 8.74 -12.29 -11.23
N ILE A 307 8.23 -12.97 -10.20
CA ILE A 307 7.53 -12.30 -9.10
C ILE A 307 8.45 -11.36 -8.33
N ARG A 308 9.69 -11.81 -8.07
CA ARG A 308 10.68 -10.92 -7.45
C ARG A 308 10.95 -9.69 -8.31
N GLN A 309 10.95 -9.84 -9.61
CA GLN A 309 11.20 -8.68 -10.49
C GLN A 309 10.01 -7.79 -10.50
N PHE A 310 8.84 -8.42 -10.57
CA PHE A 310 7.59 -7.69 -10.56
C PHE A 310 7.49 -6.85 -9.30
N GLN A 311 7.71 -7.49 -8.16
CA GLN A 311 7.53 -6.84 -6.87
C GLN A 311 8.53 -5.68 -6.67
N GLY A 312 9.80 -5.90 -7.04
CA GLY A 312 10.86 -4.86 -6.89
C GLY A 312 10.51 -3.65 -7.76
N THR A 313 10.02 -3.91 -8.97
CA THR A 313 9.54 -2.83 -9.84
C THR A 313 8.41 -2.04 -9.23
N GLN A 314 7.35 -2.73 -8.76
CA GLN A 314 6.25 -2.05 -8.12
C GLN A 314 6.70 -1.21 -6.92
N LYS A 315 7.56 -1.79 -6.10
CA LYS A 315 7.97 -1.10 -4.87
C LYS A 315 8.82 0.12 -5.21
N LEU A 316 9.66 0.03 -6.24
CA LEU A 316 10.52 1.19 -6.55
C LEU A 316 9.69 2.31 -7.14
N ALA A 317 8.72 1.98 -8.02
CA ALA A 317 7.81 3.02 -8.53
C ALA A 317 7.03 3.70 -7.42
N GLN A 318 6.48 2.91 -6.53
CA GLN A 318 5.76 3.45 -5.37
C GLN A 318 6.66 4.35 -4.49
N ALA A 319 7.88 3.91 -4.22
CA ALA A 319 8.79 4.66 -3.36
C ALA A 319 9.18 5.98 -4.08
N ALA A 320 9.30 5.95 -5.41
CA ALA A 320 9.64 7.13 -6.16
C ALA A 320 8.53 8.18 -6.08
N LEU A 321 7.28 7.77 -6.32
CA LEU A 321 6.15 8.66 -6.12
C LEU A 321 6.02 9.21 -4.71
N LEU A 322 6.28 8.44 -3.67
CA LEU A 322 6.15 8.94 -2.30
C LEU A 322 7.31 9.85 -1.92
N TYR A 323 8.47 9.58 -2.50
CA TYR A 323 9.57 10.50 -2.42
C TYR A 323 9.18 11.86 -2.97
N MET A 324 8.67 11.88 -4.20
CA MET A 324 8.25 13.17 -4.79
C MET A 324 7.15 13.85 -3.97
N GLY A 325 6.16 13.06 -3.55
CA GLY A 325 5.07 13.58 -2.74
C GLY A 325 5.59 14.17 -1.44
N SER A 326 6.51 13.45 -0.77
CA SER A 326 7.10 13.97 0.47
C SER A 326 7.87 15.23 0.25
N LYS A 327 8.59 15.30 -0.86
CA LYS A 327 9.30 16.51 -1.15
C LYS A 327 8.29 17.67 -1.41
N LEU A 328 7.17 17.44 -2.10
CA LEU A 328 6.19 18.54 -2.28
C LEU A 328 5.56 19.01 -0.94
N THR A 329 5.17 18.06 -0.09
CA THR A 329 4.69 18.35 1.27
C THR A 329 5.68 19.19 2.09
N SER A 330 6.94 18.82 2.05
CA SER A 330 7.91 19.49 2.88
C SER A 330 8.13 20.92 2.39
N GLN A 331 8.00 21.17 1.09
CA GLN A 331 7.99 22.56 0.62
C GLN A 331 6.82 23.32 1.25
N ASP A 332 5.61 22.77 1.14
CA ASP A 332 4.42 23.38 1.73
C ASP A 332 4.62 23.68 3.24
N GLU A 333 4.85 22.61 4.02
CA GLU A 333 4.88 22.71 5.49
C GLU A 333 6.00 23.60 6.05
N THR A 334 7.18 23.56 5.42
CA THR A 334 8.31 24.42 5.79
C THR A 334 7.92 25.90 5.74
N LYS A 335 7.39 26.31 4.59
CA LYS A 335 6.93 27.67 4.43
C LYS A 335 5.78 28.04 5.36
N GLU A 336 4.86 27.10 5.62
CA GLU A 336 3.68 27.39 6.46
C GLU A 336 4.08 27.55 7.93
N LEU A 337 5.01 26.70 8.34
CA LEU A 337 5.50 26.70 9.70
C LEU A 337 6.32 27.95 10.03
N THR A 338 7.11 28.35 9.06
CA THR A 338 7.90 29.53 9.12
C THR A 338 6.99 30.78 9.25
N ALA A 339 5.96 30.89 8.41
CA ALA A 339 5.02 31.99 8.50
C ALA A 339 4.25 31.98 9.82
N ILE A 340 3.95 30.81 10.36
CA ILE A 340 3.25 30.69 11.66
C ILE A 340 4.18 31.15 12.80
N PHE A 341 5.43 30.71 12.73
CA PHE A 341 6.40 31.09 13.75
C PHE A 341 6.77 32.57 13.66
N HIS A 342 6.94 33.05 12.44
CA HIS A 342 7.20 34.46 12.20
C HIS A 342 6.13 35.33 12.87
N LYS A 343 4.86 35.00 12.64
CA LYS A 343 3.76 35.77 13.25
C LYS A 343 3.68 35.64 14.79
N MET A 344 4.12 34.50 15.32
CA MET A 344 4.13 34.27 16.76
C MET A 344 5.28 35.05 17.42
N ASP A 345 6.32 35.35 16.63
CA ASP A 345 7.51 36.05 17.09
C ASP A 345 7.23 37.54 17.22
N LYS A 346 6.75 37.94 18.41
CA LYS A 346 6.37 39.33 18.65
C LYS A 346 7.60 40.19 18.90
N ASN A 347 8.63 39.60 19.48
CA ASN A 347 9.94 40.24 19.62
C ASN A 347 10.58 40.62 18.27
N GLY A 348 10.44 39.75 17.27
CA GLY A 348 11.18 39.89 16.01
C GLY A 348 12.62 39.37 16.12
N ASP A 349 12.96 38.76 17.25
CA ASP A 349 14.34 38.30 17.48
C ASP A 349 14.61 36.91 16.88
N GLY A 350 13.58 36.29 16.32
CA GLY A 350 13.69 34.95 15.72
C GLY A 350 13.65 33.77 16.70
N GLN A 351 13.35 34.04 17.98
CA GLN A 351 13.34 33.02 19.03
C GLN A 351 11.92 32.72 19.50
N LEU A 352 11.70 31.51 19.99
CA LEU A 352 10.43 31.16 20.64
C LEU A 352 10.67 30.15 21.77
N ASP A 353 9.81 30.17 22.78
CA ASP A 353 9.86 29.14 23.80
C ASP A 353 9.12 27.87 23.34
N ARG A 354 9.28 26.82 24.15
CA ARG A 354 8.70 25.48 23.89
C ARG A 354 7.18 25.46 23.63
N ALA A 355 6.39 26.08 24.51
CA ALA A 355 4.92 26.13 24.35
C ALA A 355 4.48 26.79 23.04
N GLU A 356 5.21 27.81 22.61
CA GLU A 356 4.91 28.50 21.37
C GLU A 356 5.23 27.61 20.18
N LEU A 357 6.39 26.95 20.22
CA LEU A 357 6.74 25.96 19.20
C LEU A 357 5.64 24.90 19.14
N ILE A 358 5.24 24.38 20.30
CA ILE A 358 4.15 23.40 20.33
C ILE A 358 2.86 24.00 19.72
N GLU A 359 2.50 25.22 20.11
CA GLU A 359 1.29 25.92 19.62
C GLU A 359 1.23 26.06 18.08
N GLY A 360 2.32 26.54 17.48
CA GLY A 360 2.39 26.69 16.02
C GLY A 360 2.38 25.38 15.25
N TYR A 361 3.10 24.39 15.77
CA TYR A 361 3.16 23.05 15.22
C TYR A 361 1.77 22.39 15.27
N LYS A 362 1.04 22.60 16.37
CA LYS A 362 -0.39 22.22 16.45
C LYS A 362 -1.24 23.03 15.49
N GLU A 363 -0.94 24.32 15.34
CA GLU A 363 -1.65 25.16 14.36
C GLU A 363 -1.40 24.63 12.94
N LEU A 364 -0.17 24.16 12.71
CA LEU A 364 0.18 23.54 11.44
C LEU A 364 -0.70 22.30 11.23
N MET A 365 -0.67 21.39 12.21
CA MET A 365 -1.49 20.17 12.18
C MET A 365 -2.98 20.47 11.97
N ARG A 366 -3.50 21.48 12.66
CA ARG A 366 -4.90 21.88 12.50
C ARG A 366 -5.21 22.18 11.03
N MET A 367 -4.22 22.76 10.33
CA MET A 367 -4.35 23.09 8.91
C MET A 367 -3.99 21.91 8.01
N LYS A 368 -2.82 21.31 8.27
CA LYS A 368 -2.28 20.24 7.41
C LYS A 368 -3.20 19.03 7.39
N GLY A 369 -3.33 18.35 8.54
CA GLY A 369 -4.20 17.17 8.67
C GLY A 369 -3.80 15.96 7.83
N GLN A 370 -2.54 15.91 7.40
CA GLN A 370 -1.97 14.74 6.72
C GLN A 370 -1.13 13.91 7.69
N ASP A 371 -1.33 14.12 8.99
CA ASP A 371 -0.45 13.54 9.99
C ASP A 371 -1.24 12.77 11.05
N ALA A 372 -1.73 11.62 10.65
CA ALA A 372 -2.46 10.71 11.52
C ALA A 372 -1.59 10.17 12.67
N SER A 373 -0.27 10.24 12.55
CA SER A 373 0.61 9.84 13.67
C SER A 373 0.50 10.80 14.86
N MET A 374 -0.03 12.00 14.64
CA MET A 374 -0.15 13.01 15.69
C MET A 374 -1.59 13.05 16.19
N LEU A 375 -2.03 11.94 16.79
CA LEU A 375 -3.46 11.70 17.05
C LEU A 375 -4.04 12.54 18.18
N ASP A 376 -3.18 12.95 19.10
CA ASP A 376 -3.57 13.86 20.19
C ASP A 376 -2.46 14.88 20.47
N ALA A 377 -2.73 15.81 21.38
CA ALA A 377 -1.75 16.79 21.86
C ALA A 377 -0.52 16.10 22.46
N SER A 378 -0.73 14.93 23.08
CA SER A 378 0.38 14.13 23.61
C SER A 378 1.41 13.75 22.51
N ALA A 379 0.92 13.39 21.33
CA ALA A 379 1.80 13.05 20.19
C ALA A 379 2.64 14.23 19.71
N VAL A 380 2.03 15.41 19.74
CA VAL A 380 2.69 16.61 19.24
C VAL A 380 3.83 17.02 20.15
N GLU A 381 3.54 17.09 21.45
CA GLU A 381 4.52 17.49 22.46
C GLU A 381 5.79 16.63 22.41
N HIS A 382 5.59 15.33 22.19
CA HIS A 382 6.71 14.38 22.09
C HIS A 382 7.53 14.53 20.80
N GLU A 383 6.88 14.85 19.69
CA GLU A 383 7.57 15.11 18.43
C GLU A 383 8.44 16.39 18.58
N VAL A 384 7.80 17.45 19.08
CA VAL A 384 8.51 18.68 19.43
C VAL A 384 9.70 18.36 20.34
N ASP A 385 9.49 17.52 21.36
CA ASP A 385 10.57 17.17 22.29
C ASP A 385 11.69 16.37 21.59
N GLN A 386 11.35 15.44 20.72
CA GLN A 386 12.38 14.80 19.88
C GLN A 386 13.22 15.84 19.10
N VAL A 387 12.59 16.88 18.59
CA VAL A 387 13.28 17.94 17.85
C VAL A 387 14.08 18.90 18.80
N LEU A 388 13.53 19.25 19.95
CA LEU A 388 14.25 20.06 20.93
C LEU A 388 15.48 19.32 21.51
N ASP A 389 15.36 18.01 21.66
CA ASP A 389 16.52 17.18 21.98
C ASP A 389 17.49 17.23 20.81
N ALA A 390 16.92 17.20 19.60
CA ALA A 390 17.71 17.19 18.36
C ALA A 390 18.39 18.51 18.01
N VAL A 391 18.06 19.63 18.66
CA VAL A 391 18.71 20.90 18.29
C VAL A 391 20.19 20.91 18.69
N ASP A 392 20.86 19.77 18.44
CA ASP A 392 22.11 19.44 19.09
C ASP A 392 21.98 19.68 20.61
N PHE A 393 22.66 20.71 21.12
CA PHE A 393 22.80 20.97 22.57
C PHE A 393 21.80 22.04 23.00
N ASP A 394 21.32 21.93 24.24
CA ASP A 394 20.10 22.65 24.65
C ASP A 394 20.24 23.81 25.63
N LYS A 395 19.74 24.97 25.18
CA LYS A 395 19.47 26.13 26.02
C LYS A 395 17.95 26.24 26.15
N ASN A 396 17.47 26.32 27.39
CA ASN A 396 16.02 26.30 27.64
C ASN A 396 15.38 27.69 27.90
N GLY A 397 14.44 28.05 27.03
CA GLY A 397 13.71 29.32 27.12
C GLY A 397 13.56 29.99 25.76
N TYR A 398 14.66 30.05 25.00
CA TYR A 398 14.77 30.87 23.81
C TYR A 398 15.40 30.02 22.71
N ILE A 399 14.58 29.64 21.73
CA ILE A 399 14.91 28.61 20.73
C ILE A 399 14.80 29.27 19.35
N GLU A 400 15.79 29.02 18.49
CA GLU A 400 15.88 29.64 17.15
C GLU A 400 14.87 29.01 16.18
N TYR A 401 13.69 29.61 16.02
CA TYR A 401 12.59 28.91 15.32
C TYR A 401 13.04 28.31 13.99
N SER A 402 13.86 29.07 13.26
CA SER A 402 14.49 28.65 11.99
C SER A 402 15.09 27.22 11.96
N GLU A 403 15.91 26.89 12.96
CA GLU A 403 16.57 25.57 12.99
C GLU A 403 15.58 24.44 13.35
N PHE A 404 14.64 24.71 14.26
CA PHE A 404 13.60 23.73 14.64
C PHE A 404 12.81 23.28 13.41
N VAL A 405 12.51 24.23 12.50
CA VAL A 405 11.77 23.98 11.26
C VAL A 405 12.53 22.98 10.36
N THR A 406 13.82 23.25 10.14
CA THR A 406 14.67 22.37 9.34
C THR A 406 14.68 20.93 9.86
N VAL A 407 14.84 20.79 11.17
CA VAL A 407 14.96 19.49 11.79
C VAL A 407 13.60 18.76 11.85
N ALA A 408 12.53 19.49 12.17
CA ALA A 408 11.19 18.88 12.22
C ALA A 408 10.84 18.25 10.87
N MET A 409 11.24 18.93 9.78
CA MET A 409 10.85 18.57 8.39
C MET A 409 11.72 17.47 7.80
N ASP A 410 13.03 17.59 8.00
CA ASP A 410 13.97 16.50 7.69
CA ASP A 410 13.99 16.50 7.73
C ASP A 410 13.48 15.19 8.32
N ARG A 411 13.01 15.27 9.57
CA ARG A 411 12.43 14.12 10.28
C ARG A 411 11.28 13.50 9.46
N LYS A 412 10.34 14.35 9.05
CA LYS A 412 9.17 13.91 8.28
C LYS A 412 9.49 13.18 6.96
N THR A 413 10.56 13.60 6.28
CA THR A 413 10.96 13.01 5.00
C THR A 413 11.84 11.75 5.11
N LEU A 414 12.57 11.62 6.22
CA LEU A 414 13.45 10.49 6.49
C LEU A 414 12.93 9.17 5.89
N LEU A 415 11.77 8.75 6.41
CA LEU A 415 11.18 7.43 6.12
C LEU A 415 11.10 7.24 4.62
N SER A 416 10.64 8.29 3.94
CA SER A 416 10.51 8.29 2.50
C SER A 416 11.83 8.38 1.67
N ARG A 417 12.86 9.15 2.09
CA ARG A 417 14.12 9.14 1.32
C ARG A 417 14.88 7.82 1.59
N GLU A 418 14.81 7.38 2.84
CA GLU A 418 15.54 6.21 3.26
C GLU A 418 14.92 5.06 2.53
N ARG A 419 13.59 5.04 2.51
CA ARG A 419 12.85 4.00 1.81
C ARG A 419 13.19 4.06 0.32
N LEU A 420 13.51 5.23 -0.22
CA LEU A 420 13.74 5.32 -1.67
C LEU A 420 15.03 4.59 -2.00
N GLU A 421 16.06 4.88 -1.21
CA GLU A 421 17.37 4.22 -1.40
C GLU A 421 17.23 2.74 -1.23
N ARG A 422 16.50 2.30 -0.20
CA ARG A 422 16.34 0.88 0.07
C ARG A 422 15.70 0.24 -1.12
N ALA A 423 14.65 0.86 -1.66
CA ALA A 423 13.97 0.26 -2.79
C ALA A 423 14.84 0.26 -4.03
N PHE A 424 15.66 1.28 -4.21
CA PHE A 424 16.62 1.26 -5.35
C PHE A 424 17.57 0.06 -5.18
N ARG A 425 18.18 -0.09 -4.03
CA ARG A 425 19.10 -1.22 -3.78
C ARG A 425 18.38 -2.57 -3.97
N MET A 426 17.12 -2.66 -3.56
CA MET A 426 16.43 -3.92 -3.70
C MET A 426 16.13 -4.19 -5.20
N PHE A 427 15.80 -3.18 -5.97
CA PHE A 427 15.57 -3.36 -7.41
C PHE A 427 16.84 -3.76 -8.18
N ASP A 428 17.98 -3.24 -7.72
CA ASP A 428 19.30 -3.52 -8.29
C ASP A 428 19.84 -4.86 -7.74
N SER A 429 19.16 -5.96 -8.11
CA SER A 429 19.42 -7.29 -7.60
C SER A 429 20.84 -7.86 -7.91
N ASP A 430 21.47 -7.41 -8.99
CA ASP A 430 22.85 -7.81 -9.29
CA ASP A 430 22.85 -7.78 -9.32
C ASP A 430 23.92 -6.91 -8.61
N ASN A 431 23.50 -6.00 -7.74
CA ASN A 431 24.39 -5.03 -7.06
C ASN A 431 25.29 -4.26 -8.08
N SER A 432 24.73 -3.82 -9.20
CA SER A 432 25.54 -3.18 -10.23
C SER A 432 25.73 -1.71 -9.92
N GLY A 433 24.87 -1.20 -9.05
CA GLY A 433 24.90 0.20 -8.62
C GLY A 433 24.11 1.10 -9.56
N LYS A 434 23.53 0.51 -10.60
CA LYS A 434 22.86 1.27 -11.64
C LYS A 434 21.62 0.60 -12.17
N ILE A 435 20.76 1.47 -12.75
CA ILE A 435 19.59 1.01 -13.45
CA ILE A 435 19.51 1.10 -13.42
C ILE A 435 19.63 1.52 -14.88
N SER A 436 19.32 0.62 -15.80
CA SER A 436 19.41 0.88 -17.21
C SER A 436 18.24 1.77 -17.66
N SER A 437 18.39 2.39 -18.81
CA SER A 437 17.30 3.20 -19.34
C SER A 437 16.10 2.33 -19.72
N THR A 438 16.33 1.08 -20.10
CA THR A 438 15.20 0.15 -20.30
C THR A 438 14.43 -0.06 -19.00
N GLU A 439 15.17 -0.31 -17.92
CA GLU A 439 14.60 -0.36 -16.56
C GLU A 439 13.91 0.97 -16.16
N LEU A 440 14.54 2.13 -16.41
CA LEU A 440 13.86 3.38 -16.18
C LEU A 440 12.53 3.47 -16.90
N ALA A 441 12.47 3.04 -18.15
CA ALA A 441 11.21 3.07 -18.90
C ALA A 441 10.12 2.27 -18.17
N THR A 442 10.51 1.10 -17.65
CA THR A 442 9.55 0.21 -16.99
C THR A 442 9.07 0.85 -15.67
N ILE A 443 10.00 1.40 -14.88
CA ILE A 443 9.66 2.08 -13.63
C ILE A 443 8.81 3.31 -13.85
N PHE A 444 9.19 4.14 -14.81
CA PHE A 444 8.42 5.34 -15.08
C PHE A 444 7.08 5.07 -15.76
N GLY A 445 6.98 3.99 -16.54
CA GLY A 445 5.69 3.57 -17.06
C GLY A 445 4.73 3.15 -15.96
N VAL A 446 5.20 2.30 -15.04
CA VAL A 446 4.46 1.91 -13.85
C VAL A 446 4.06 3.12 -12.96
N SER A 447 4.97 4.11 -12.83
CA SER A 447 4.72 5.37 -12.07
C SER A 447 3.91 6.44 -12.82
N ASP A 448 3.69 6.18 -14.09
CA ASP A 448 2.91 7.03 -15.00
C ASP A 448 3.53 8.43 -15.17
N VAL A 449 4.85 8.45 -15.36
CA VAL A 449 5.54 9.66 -15.77
C VAL A 449 5.85 9.57 -17.26
N ASP A 450 5.33 10.54 -18.02
CA ASP A 450 5.42 10.54 -19.47
C ASP A 450 6.89 10.41 -19.95
N SER A 451 7.05 9.72 -21.07
CA SER A 451 8.37 9.27 -21.52
C SER A 451 9.29 10.43 -21.89
N GLU A 452 8.74 11.36 -22.67
CA GLU A 452 9.44 12.57 -23.07
C GLU A 452 9.85 13.37 -21.85
N THR A 453 9.03 13.33 -20.80
CA THR A 453 9.27 14.16 -19.63
C THR A 453 10.51 13.65 -18.88
N TRP A 454 10.58 12.36 -18.62
CA TRP A 454 11.71 11.86 -17.83
C TRP A 454 13.09 11.89 -18.55
N LYS A 455 13.11 11.78 -19.87
CA LYS A 455 14.39 11.84 -20.61
C LYS A 455 14.91 13.26 -20.69
N SER A 456 14.00 14.20 -20.83
CA SER A 456 14.39 15.60 -20.83
C SER A 456 15.10 15.86 -19.49
N VAL A 457 14.55 15.28 -18.44
CA VAL A 457 15.08 15.49 -17.10
C VAL A 457 16.47 14.90 -16.92
N LEU A 458 16.64 13.66 -17.34
CA LEU A 458 17.93 12.97 -17.37
C LEU A 458 18.97 13.79 -18.11
N SER A 459 18.60 14.24 -19.32
CA SER A 459 19.49 14.98 -20.18
C SER A 459 20.06 16.14 -19.38
N GLU A 460 19.25 16.73 -18.50
CA GLU A 460 19.70 17.89 -17.72
C GLU A 460 20.56 17.54 -16.48
N VAL A 461 20.34 16.36 -15.90
CA VAL A 461 21.12 15.89 -14.74
C VAL A 461 22.54 15.55 -15.15
N ASP A 462 22.63 14.71 -16.19
CA ASP A 462 23.89 14.23 -16.75
C ASP A 462 23.85 14.31 -18.28
N LYS A 463 24.42 15.39 -18.80
CA LYS A 463 24.40 15.63 -20.23
C LYS A 463 25.14 14.53 -21.04
N ASN A 464 25.97 13.70 -20.40
CA ASN A 464 26.76 12.68 -21.12
C ASN A 464 26.35 11.22 -20.87
N ASN A 465 25.19 10.98 -20.26
CA ASN A 465 24.94 9.61 -19.75
C ASN A 465 24.86 8.57 -20.88
N ASP A 466 25.11 7.32 -20.51
CA ASP A 466 25.22 6.23 -21.47
C ASP A 466 24.23 5.17 -21.04
N GLY A 467 22.97 5.59 -20.98
CA GLY A 467 21.86 4.68 -20.76
C GLY A 467 21.77 4.02 -19.40
N GLU A 468 22.36 4.62 -18.38
CA GLU A 468 22.15 4.13 -17.06
C GLU A 468 22.36 5.23 -16.05
N VAL A 469 21.67 5.14 -14.92
CA VAL A 469 21.86 6.09 -13.82
C VAL A 469 22.22 5.38 -12.51
N ASP A 470 23.02 6.02 -11.67
CA ASP A 470 23.27 5.54 -10.31
C ASP A 470 22.20 6.08 -9.37
N PHE A 471 22.28 5.76 -8.08
CA PHE A 471 21.22 6.17 -7.17
C PHE A 471 21.11 7.68 -7.10
N ASP A 472 22.27 8.37 -7.03
CA ASP A 472 22.22 9.81 -6.90
C ASP A 472 21.52 10.50 -8.10
N GLU A 473 21.90 10.07 -9.31
CA GLU A 473 21.27 10.55 -10.55
C GLU A 473 19.75 10.31 -10.60
N PHE A 474 19.32 9.13 -10.24
CA PHE A 474 17.88 8.78 -10.19
C PHE A 474 17.16 9.73 -9.26
N GLN A 475 17.70 9.85 -8.05
CA GLN A 475 17.19 10.80 -7.09
C GLN A 475 17.11 12.23 -7.64
N GLN A 476 18.18 12.70 -8.28
CA GLN A 476 18.17 14.03 -8.89
C GLN A 476 17.06 14.09 -9.96
N MET A 477 16.88 13.02 -10.75
CA MET A 477 15.77 13.01 -11.70
C MET A 477 14.42 13.23 -10.99
N LEU A 478 14.16 12.51 -9.89
CA LEU A 478 12.91 12.65 -9.16
C LEU A 478 12.65 14.06 -8.63
N LEU A 479 13.71 14.70 -8.16
CA LEU A 479 13.61 16.08 -7.69
C LEU A 479 13.21 16.98 -8.82
N LYS A 480 13.81 16.83 -9.98
CA LYS A 480 13.39 17.67 -11.14
C LYS A 480 11.95 17.40 -11.59
N LEU A 481 11.50 16.17 -11.42
CA LEU A 481 10.16 15.78 -11.79
C LEU A 481 9.10 16.24 -10.79
N CYS A 482 9.50 16.82 -9.66
CA CYS A 482 8.57 17.45 -8.75
C CYS A 482 8.94 18.90 -8.55
N GLY A 483 9.46 19.50 -9.62
CA GLY A 483 9.61 20.96 -9.73
C GLY A 483 10.76 21.53 -8.93
N ASN A 484 11.73 20.70 -8.60
CA ASN A 484 12.94 21.16 -7.92
C ASN A 484 14.14 20.78 -8.77
CAI 21E B . -5.36 -2.46 6.76
CAL 21E B . -6.70 -2.09 6.72
CAT 21E B . -7.39 -1.90 7.90
CAJ 21E B . -8.72 -1.54 7.92
CAG 21E B . -9.37 -1.34 9.12
CAH 21E B . -8.72 -1.52 10.33
CAK 21E B . -7.38 -1.88 10.33
CAU 21E B . -6.71 -2.06 9.11
NAM 21E B . -5.40 -2.42 9.11
CAQ 21E B . -4.71 -2.63 7.99
CAR 21E B . -3.40 -2.96 8.04
NAN 21E B . -2.53 -2.42 7.17
NAV 21E B . -1.37 -2.83 7.39
CAW 21E B . -0.14 -2.40 6.58
CAB 21E B . 0.79 -3.59 6.29
CAC 21E B . -0.53 -1.72 5.25
CAA 21E B . 0.61 -1.35 7.43
CAP 21E B . -1.43 -3.68 8.46
NAE 21E B . -0.36 -4.30 8.97
CAS 21E B . -2.71 -3.77 8.88
CAO 21E B . -3.07 -4.56 9.94
OAF 21E B . -2.23 -5.27 10.51
NAD 21E B . -4.34 -4.56 10.36
#